data_5O9M
#
_entry.id   5O9M
#
_cell.length_a   47.527
_cell.length_b   77.592
_cell.length_c   99.325
_cell.angle_alpha   90.00
_cell.angle_beta   90.00
_cell.angle_gamma   90.00
#
_symmetry.space_group_name_H-M   'P 21 21 21'
#
loop_
_entity.id
_entity.type
_entity.pdbx_description
1 polymer 'Translationally-controlled tumor protein'
2 non-polymer DI(HYDROXYETHYL)ETHER
3 water water
#
_entity_poly.entity_id   1
_entity_poly.type   'polypeptide(L)'
_entity_poly.pdbx_seq_one_letter_code
;MIIYRDLISHDEMFSDIYKIREIADGLCLEVEGKMVSRTEGNIDDSLIGGNASAEGPEGEGTESTVITGVDIVMNHHLQE
TSFTKEAYKKYIKDYMKSIKGKLEEQRPERVKPFMTGAAEQIKHILANFKNYQFFIGENMNPDGMVALLDYREDGVTPYM
IFFKDGLEMEKCLEHHHHHH
;
_entity_poly.pdbx_strand_id   A,B
#
loop_
_chem_comp.id
_chem_comp.type
_chem_comp.name
_chem_comp.formula
PEG non-polymer DI(HYDROXYETHYL)ETHER 'C4 H10 O3'
#
# COMPACT_ATOMS: atom_id res chain seq x y z
N MET A 1 -1.97 1.03 11.07
CA MET A 1 -2.73 0.69 9.84
CA MET A 1 -2.75 0.83 9.85
C MET A 1 -4.19 0.46 10.18
N ILE A 2 -5.10 1.04 9.39
CA ILE A 2 -6.52 0.79 9.51
C ILE A 2 -7.02 0.34 8.13
N ILE A 3 -7.78 -0.74 8.11
CA ILE A 3 -8.40 -1.25 6.88
C ILE A 3 -9.86 -0.76 6.82
N TYR A 4 -10.33 -0.30 5.67
CA TYR A 4 -11.71 0.10 5.47
C TYR A 4 -12.39 -0.94 4.60
N ARG A 5 -13.42 -1.59 5.13
CA ARG A 5 -14.02 -2.76 4.48
C ARG A 5 -15.47 -2.41 4.10
N ASP A 6 -15.90 -2.89 2.95
CA ASP A 6 -17.31 -2.71 2.52
C ASP A 6 -18.23 -3.45 3.49
N LEU A 7 -19.15 -2.70 4.07
CA LEU A 7 -20.10 -3.20 5.08
CA LEU A 7 -20.08 -3.21 5.07
C LEU A 7 -20.99 -4.32 4.51
N ILE A 8 -21.29 -4.25 3.21
CA ILE A 8 -22.17 -5.22 2.55
CA ILE A 8 -22.16 -5.24 2.61
C ILE A 8 -21.41 -6.41 1.95
N SER A 9 -20.38 -6.12 1.15
CA SER A 9 -19.71 -7.20 0.42
C SER A 9 -18.54 -7.84 1.17
N HIS A 10 -18.07 -7.14 2.21
CA HIS A 10 -16.90 -7.56 3.00
C HIS A 10 -15.59 -7.47 2.29
N ASP A 11 -15.55 -6.78 1.15
CA ASP A 11 -14.27 -6.56 0.46
C ASP A 11 -13.47 -5.48 1.13
N GLU A 12 -12.16 -5.65 1.18
CA GLU A 12 -11.24 -4.57 1.53
C GLU A 12 -11.35 -3.47 0.47
N MET A 13 -11.60 -2.23 0.87
CA MET A 13 -11.72 -1.13 -0.11
C MET A 13 -10.50 -0.26 -0.18
N PHE A 14 -9.87 0.01 0.95
CA PHE A 14 -8.64 0.81 1.00
C PHE A 14 -8.11 0.72 2.42
N SER A 15 -6.97 1.36 2.67
CA SER A 15 -6.42 1.44 4.02
C SER A 15 -5.94 2.85 4.21
N ASP A 16 -5.45 3.18 5.41
CA ASP A 16 -4.98 4.52 5.69
C ASP A 16 -3.53 4.79 5.28
N ILE A 17 -3.06 4.05 4.28
CA ILE A 17 -1.79 4.46 3.70
CA ILE A 17 -1.83 4.34 3.51
C ILE A 17 -1.96 5.68 2.82
N TYR A 18 -3.19 6.03 2.42
CA TYR A 18 -3.48 7.21 1.59
C TYR A 18 -4.01 8.34 2.46
N LYS A 19 -3.94 9.55 1.92
CA LYS A 19 -4.56 10.72 2.56
C LYS A 19 -6.08 10.58 2.44
N ILE A 20 -6.78 10.73 3.55
CA ILE A 20 -8.24 10.55 3.58
C ILE A 20 -8.85 11.77 4.23
N ARG A 21 -9.92 12.30 3.64
CA ARG A 21 -10.64 13.39 4.27
C ARG A 21 -12.14 13.21 4.13
N GLU A 22 -12.88 13.76 5.07
CA GLU A 22 -14.32 13.72 5.01
C GLU A 22 -14.85 14.84 4.18
N ILE A 23 -15.81 14.51 3.35
CA ILE A 23 -16.51 15.51 2.56
C ILE A 23 -18.01 15.31 2.67
N ALA A 24 -18.78 16.24 2.12
CA ALA A 24 -20.24 16.15 2.09
C ALA A 24 -20.86 16.01 3.49
N ASP A 25 -20.40 16.89 4.37
CA ASP A 25 -20.81 16.95 5.77
C ASP A 25 -20.78 15.58 6.44
N GLY A 26 -19.70 14.85 6.20
CA GLY A 26 -19.47 13.59 6.88
C GLY A 26 -20.07 12.36 6.19
N LEU A 27 -20.68 12.55 5.02
CA LEU A 27 -21.27 11.46 4.29
C LEU A 27 -20.27 10.59 3.52
N CYS A 28 -19.18 11.20 3.06
CA CYS A 28 -18.27 10.52 2.16
C CYS A 28 -16.85 10.65 2.65
N LEU A 29 -16.02 9.67 2.30
CA LEU A 29 -14.58 9.80 2.46
C LEU A 29 -13.98 9.96 1.08
N GLU A 30 -13.07 10.92 0.96
CA GLU A 30 -12.35 11.17 -0.26
C GLU A 30 -10.93 10.71 -0.04
N VAL A 31 -10.47 9.76 -0.84
CA VAL A 31 -9.18 9.11 -0.62
C VAL A 31 -8.26 9.53 -1.78
N GLU A 32 -7.15 10.20 -1.47
CA GLU A 32 -6.30 10.72 -2.54
C GLU A 32 -5.29 9.67 -2.90
N GLY A 33 -5.22 9.38 -4.18
CA GLY A 33 -4.37 8.33 -4.67
C GLY A 33 -3.14 8.91 -5.36
N LYS A 34 -2.34 8.00 -5.87
CA LYS A 34 -1.20 8.41 -6.69
C LYS A 34 -1.23 7.55 -7.96
N MET A 35 -0.80 8.11 -9.10
CA MET A 35 -0.54 7.25 -10.26
C MET A 35 0.74 6.54 -10.07
N VAL A 36 0.73 5.24 -10.32
CA VAL A 36 1.90 4.37 -10.16
C VAL A 36 2.06 3.39 -11.28
N SER A 37 3.26 2.88 -11.50
CA SER A 37 3.52 1.97 -12.61
C SER A 37 4.16 0.72 -12.12
N ARG A 38 3.62 -0.40 -12.51
CA ARG A 38 4.21 -1.67 -12.17
C ARG A 38 4.62 -2.31 -13.46
N THR A 39 5.33 -3.41 -13.34
CA THR A 39 5.77 -4.13 -14.53
CA THR A 39 5.80 -4.10 -14.50
C THR A 39 5.31 -5.58 -14.48
N GLU A 40 5.10 -6.14 -15.65
CA GLU A 40 4.81 -7.58 -15.79
C GLU A 40 5.71 -8.15 -16.86
N GLY A 41 6.14 -9.41 -16.67
CA GLY A 41 6.96 -10.09 -17.67
C GLY A 41 6.15 -10.64 -18.84
N GLU A 63 11.03 -9.72 -21.54
CA GLU A 63 10.84 -8.28 -21.62
C GLU A 63 9.67 -7.80 -20.75
N SER A 64 9.85 -6.67 -20.10
CA SER A 64 8.82 -6.11 -19.24
C SER A 64 7.76 -5.27 -20.00
N THR A 65 6.52 -5.30 -19.51
CA THR A 65 5.48 -4.35 -19.92
C THR A 65 5.22 -3.43 -18.75
N VAL A 66 5.06 -2.13 -19.02
CA VAL A 66 4.73 -1.14 -18.01
C VAL A 66 3.21 -0.86 -17.91
N ILE A 67 2.64 -1.04 -16.74
CA ILE A 67 1.20 -0.91 -16.52
C ILE A 67 1.00 0.19 -15.50
N THR A 68 0.28 1.22 -15.88
CA THR A 68 0.06 2.41 -15.05
C THR A 68 -1.41 2.47 -14.60
N GLY A 69 -1.65 2.83 -13.36
CA GLY A 69 -2.97 3.02 -12.84
C GLY A 69 -2.93 3.63 -11.46
N VAL A 70 -4.07 3.70 -10.79
CA VAL A 70 -4.18 4.32 -9.49
C VAL A 70 -3.78 3.35 -8.43
N ASP A 71 -2.90 3.79 -7.52
CA ASP A 71 -2.45 2.87 -6.47
C ASP A 71 -3.56 2.19 -5.66
N ILE A 72 -4.55 2.99 -5.28
CA ILE A 72 -5.65 2.44 -4.47
C ILE A 72 -6.28 1.24 -5.16
N VAL A 73 -6.54 1.35 -6.47
CA VAL A 73 -7.18 0.32 -7.24
C VAL A 73 -6.31 -0.92 -7.31
N MET A 74 -5.00 -0.76 -7.61
CA MET A 74 -4.12 -1.89 -7.74
C MET A 74 -3.91 -2.59 -6.39
N ASN A 75 -3.70 -1.81 -5.32
CA ASN A 75 -3.30 -2.40 -4.02
C ASN A 75 -4.42 -3.19 -3.39
N HIS A 76 -5.67 -2.75 -3.62
CA HIS A 76 -6.82 -3.38 -2.92
C HIS A 76 -7.68 -4.20 -3.88
N HIS A 77 -7.17 -4.46 -5.07
CA HIS A 77 -7.84 -5.35 -6.03
C HIS A 77 -9.24 -4.86 -6.35
N LEU A 78 -9.42 -3.55 -6.49
CA LEU A 78 -10.68 -3.00 -6.91
C LEU A 78 -10.90 -3.31 -8.39
N GLN A 79 -12.15 -3.53 -8.78
CA GLN A 79 -12.50 -3.97 -10.15
C GLN A 79 -13.27 -2.88 -10.84
N GLU A 80 -12.85 -2.48 -12.03
CA GLU A 80 -13.62 -1.51 -12.78
C GLU A 80 -14.96 -2.09 -13.23
N THR A 81 -16.02 -1.29 -13.17
CA THR A 81 -17.30 -1.72 -13.70
C THR A 81 -17.88 -0.54 -14.46
N SER A 82 -19.08 -0.70 -15.01
CA SER A 82 -19.71 0.41 -15.70
C SER A 82 -21.19 0.30 -15.63
N PHE A 83 -21.84 1.41 -15.97
CA PHE A 83 -23.28 1.54 -15.77
C PHE A 83 -23.84 2.47 -16.83
N THR A 84 -25.08 2.24 -17.21
CA THR A 84 -25.83 3.33 -17.83
C THR A 84 -26.36 4.21 -16.71
N LYS A 85 -26.75 5.46 -16.98
CA LYS A 85 -27.39 6.25 -15.92
C LYS A 85 -28.59 5.58 -15.31
N GLU A 86 -29.44 4.98 -16.14
CA GLU A 86 -30.59 4.31 -15.62
C GLU A 86 -30.20 3.17 -14.67
N ALA A 87 -29.22 2.35 -15.06
CA ALA A 87 -28.81 1.24 -14.23
C ALA A 87 -28.20 1.79 -12.93
N TYR A 88 -27.41 2.86 -13.00
CA TYR A 88 -26.84 3.45 -11.77
C TYR A 88 -27.95 4.00 -10.82
N LYS A 89 -28.94 4.72 -11.38
CA LYS A 89 -30.09 5.18 -10.58
C LYS A 89 -30.78 4.05 -9.84
N LYS A 90 -30.98 2.92 -10.52
CA LYS A 90 -31.65 1.78 -9.91
C LYS A 90 -30.78 1.19 -8.81
N TYR A 91 -29.48 1.05 -9.12
CA TYR A 91 -28.55 0.43 -8.20
C TYR A 91 -28.40 1.29 -6.90
N ILE A 92 -28.29 2.61 -7.08
CA ILE A 92 -27.97 3.48 -5.96
C ILE A 92 -29.18 3.61 -5.01
N LYS A 93 -30.39 3.58 -5.56
CA LYS A 93 -31.60 3.57 -4.74
CA LYS A 93 -31.57 3.58 -4.70
C LYS A 93 -31.64 2.31 -3.84
N ASP A 94 -31.34 1.15 -4.44
CA ASP A 94 -31.29 -0.09 -3.68
C ASP A 94 -30.16 -0.05 -2.66
N TYR A 95 -29.00 0.49 -3.05
CA TYR A 95 -27.88 0.58 -2.12
C TYR A 95 -28.19 1.43 -0.86
N MET A 96 -28.83 2.58 -1.10
CA MET A 96 -29.32 3.38 0.05
C MET A 96 -30.24 2.63 0.97
N LYS A 97 -31.11 1.81 0.40
CA LYS A 97 -32.03 1.06 1.25
C LYS A 97 -31.27 0.01 2.06
N SER A 98 -30.25 -0.62 1.45
CA SER A 98 -29.51 -1.61 2.18
CA SER A 98 -29.44 -1.60 2.14
C SER A 98 -28.74 -0.92 3.30
N ILE A 99 -28.09 0.23 3.02
CA ILE A 99 -27.38 0.93 4.09
C ILE A 99 -28.35 1.46 5.20
N LYS A 100 -29.52 1.99 4.80
CA LYS A 100 -30.51 2.44 5.78
C LYS A 100 -30.84 1.31 6.75
N GLY A 101 -31.01 0.11 6.22
CA GLY A 101 -31.34 -1.03 7.03
C GLY A 101 -30.24 -1.37 8.01
N LYS A 102 -28.99 -1.28 7.56
CA LYS A 102 -27.86 -1.53 8.44
C LYS A 102 -27.80 -0.48 9.56
N LEU A 103 -27.95 0.80 9.20
CA LEU A 103 -27.96 1.87 10.19
C LEU A 103 -29.10 1.75 11.22
N GLU A 104 -30.23 1.25 10.77
CA GLU A 104 -31.36 1.10 11.69
C GLU A 104 -31.01 0.08 12.78
N GLU A 105 -30.27 -0.95 12.41
CA GLU A 105 -29.87 -1.99 13.35
C GLU A 105 -28.73 -1.52 14.24
N GLN A 106 -27.74 -0.90 13.62
CA GLN A 106 -26.46 -0.62 14.26
C GLN A 106 -26.29 0.81 14.76
N ARG A 107 -26.75 1.81 14.00
CA ARG A 107 -26.48 3.20 14.31
C ARG A 107 -27.66 4.13 13.99
N PRO A 108 -28.79 3.99 14.72
CA PRO A 108 -30.03 4.68 14.33
C PRO A 108 -29.93 6.20 14.20
N GLU A 109 -28.99 6.80 14.90
CA GLU A 109 -28.75 8.23 14.80
C GLU A 109 -28.24 8.67 13.41
N ARG A 110 -27.65 7.76 12.63
CA ARG A 110 -27.17 8.15 11.29
C ARG A 110 -28.25 8.06 10.22
N VAL A 111 -29.38 7.45 10.52
CA VAL A 111 -30.38 7.22 9.48
C VAL A 111 -30.82 8.48 8.75
N LYS A 112 -31.19 9.53 9.49
CA LYS A 112 -31.69 10.77 8.86
C LYS A 112 -30.61 11.50 8.06
N PRO A 113 -29.45 11.80 8.68
CA PRO A 113 -28.44 12.43 7.82
C PRO A 113 -27.98 11.55 6.67
N PHE A 114 -28.03 10.23 6.80
CA PHE A 114 -27.61 9.41 5.67
C PHE A 114 -28.61 9.56 4.53
N MET A 115 -29.88 9.44 4.87
CA MET A 115 -30.90 9.47 3.81
C MET A 115 -31.01 10.84 3.14
N THR A 116 -30.96 11.96 3.88
CA THR A 116 -30.99 13.27 3.25
C THR A 116 -29.68 13.58 2.52
N GLY A 117 -28.58 13.14 3.11
CA GLY A 117 -27.31 13.43 2.49
C GLY A 117 -27.14 12.64 1.22
N ALA A 118 -27.53 11.37 1.26
CA ALA A 118 -27.39 10.55 0.06
C ALA A 118 -28.34 11.01 -1.05
N ALA A 119 -29.54 11.42 -0.68
CA ALA A 119 -30.47 11.98 -1.69
C ALA A 119 -29.86 13.16 -2.44
N GLU A 120 -29.17 14.04 -1.71
CA GLU A 120 -28.49 15.17 -2.33
C GLU A 120 -27.35 14.76 -3.22
N GLN A 121 -26.57 13.78 -2.77
CA GLN A 121 -25.41 13.39 -3.51
C GLN A 121 -25.76 12.65 -4.78
N ILE A 122 -26.81 11.83 -4.76
CA ILE A 122 -27.21 11.09 -5.96
C ILE A 122 -27.47 12.07 -7.13
N LYS A 123 -28.13 13.18 -6.83
CA LYS A 123 -28.45 14.15 -7.89
C LYS A 123 -27.18 14.74 -8.51
N HIS A 124 -26.21 14.99 -7.65
CA HIS A 124 -24.95 15.54 -8.12
C HIS A 124 -24.07 14.49 -8.82
N ILE A 125 -24.06 13.26 -8.35
CA ILE A 125 -23.33 12.20 -9.04
C ILE A 125 -23.94 12.06 -10.45
N LEU A 126 -25.28 12.02 -10.55
CA LEU A 126 -25.86 11.90 -11.90
C LEU A 126 -25.59 13.10 -12.79
N ALA A 127 -25.56 14.31 -12.22
CA ALA A 127 -25.28 15.51 -13.02
C ALA A 127 -23.87 15.46 -13.59
N ASN A 128 -22.98 14.73 -12.93
CA ASN A 128 -21.60 14.68 -13.34
C ASN A 128 -21.19 13.30 -13.75
N PHE A 129 -22.17 12.50 -14.16
CA PHE A 129 -21.98 11.08 -14.42
C PHE A 129 -20.83 10.77 -15.35
N LYS A 130 -20.70 11.54 -16.42
CA LYS A 130 -19.66 11.27 -17.38
C LYS A 130 -18.24 11.43 -16.83
N ASN A 131 -18.07 12.16 -15.73
CA ASN A 131 -16.74 12.43 -15.24
C ASN A 131 -16.15 11.27 -14.46
N TYR A 132 -16.98 10.30 -14.06
CA TYR A 132 -16.51 9.23 -13.18
C TYR A 132 -16.16 7.92 -13.85
N GLN A 133 -15.21 7.21 -13.25
CA GLN A 133 -15.09 5.79 -13.45
C GLN A 133 -15.57 5.12 -12.19
N PHE A 134 -15.96 3.87 -12.32
CA PHE A 134 -16.69 3.15 -11.29
C PHE A 134 -15.94 1.90 -10.88
N PHE A 135 -15.72 1.74 -9.55
CA PHE A 135 -14.96 0.61 -9.02
C PHE A 135 -15.69 -0.09 -7.93
N ILE A 136 -15.60 -1.41 -7.98
CA ILE A 136 -16.24 -2.24 -6.91
C ILE A 136 -15.16 -3.13 -6.24
N GLY A 137 -15.48 -3.66 -5.07
CA GLY A 137 -14.61 -4.59 -4.39
C GLY A 137 -14.32 -5.85 -5.21
N GLU A 138 -13.28 -6.58 -4.79
CA GLU A 138 -12.81 -7.74 -5.54
C GLU A 138 -13.89 -8.80 -5.80
N ASN A 139 -14.81 -8.95 -4.86
CA ASN A 139 -15.89 -9.98 -4.97
C ASN A 139 -16.90 -9.61 -6.06
N MET A 140 -16.90 -8.35 -6.49
CA MET A 140 -17.83 -7.86 -7.52
C MET A 140 -19.27 -8.16 -7.16
N ASN A 141 -19.65 -7.91 -5.92
CA ASN A 141 -21.01 -8.12 -5.44
C ASN A 141 -21.89 -6.96 -5.90
N PRO A 142 -23.00 -7.26 -6.64
CA PRO A 142 -23.85 -6.17 -7.15
C PRO A 142 -24.50 -5.32 -6.06
N ASP A 143 -24.52 -5.81 -4.84
CA ASP A 143 -25.07 -5.11 -3.71
C ASP A 143 -24.01 -4.28 -2.95
N GLY A 144 -22.74 -4.49 -3.29
CA GLY A 144 -21.66 -3.76 -2.61
C GLY A 144 -21.58 -2.31 -3.03
N MET A 145 -20.74 -1.55 -2.35
CA MET A 145 -20.51 -0.14 -2.71
C MET A 145 -19.83 -0.01 -4.09
N VAL A 146 -20.17 1.08 -4.78
CA VAL A 146 -19.47 1.47 -6.01
C VAL A 146 -18.69 2.74 -5.73
N ALA A 147 -17.34 2.64 -5.70
CA ALA A 147 -16.52 3.81 -5.46
C ALA A 147 -16.39 4.64 -6.75
N LEU A 148 -16.29 5.95 -6.60
CA LEU A 148 -16.16 6.82 -7.78
C LEU A 148 -14.72 7.32 -7.92
N LEU A 149 -14.13 7.19 -9.10
CA LEU A 149 -12.79 7.76 -9.38
C LEU A 149 -12.93 8.99 -10.24
N ASP A 150 -12.30 10.09 -9.82
CA ASP A 150 -12.22 11.31 -10.63
C ASP A 150 -10.81 11.89 -10.46
N TYR A 151 -10.53 12.97 -11.18
CA TYR A 151 -9.20 13.59 -11.14
C TYR A 151 -9.30 15.03 -10.66
N ARG A 152 -8.28 15.50 -9.94
CA ARG A 152 -8.22 16.87 -9.43
C ARG A 152 -8.15 17.86 -10.57
N GLU A 153 -8.16 19.14 -10.22
CA GLU A 153 -8.13 20.23 -11.19
C GLU A 153 -6.88 20.19 -12.08
N ASP A 154 -5.80 19.60 -11.57
CA ASP A 154 -4.60 19.43 -12.37
C ASP A 154 -4.84 18.40 -13.46
N GLY A 155 -5.88 17.59 -13.29
CA GLY A 155 -6.22 16.60 -14.29
C GLY A 155 -5.38 15.35 -14.16
N VAL A 156 -4.47 15.32 -13.17
CA VAL A 156 -3.55 14.19 -13.07
C VAL A 156 -3.54 13.44 -11.73
N THR A 157 -3.96 14.09 -10.66
CA THR A 157 -4.03 13.47 -9.33
C THR A 157 -5.40 12.79 -9.12
N PRO A 158 -5.39 11.47 -8.95
CA PRO A 158 -6.65 10.71 -8.79
C PRO A 158 -7.17 10.79 -7.36
N TYR A 159 -8.47 10.82 -7.24
CA TYR A 159 -9.07 10.64 -5.91
C TYR A 159 -10.31 9.79 -6.07
N MET A 160 -10.63 9.09 -4.99
CA MET A 160 -11.77 8.17 -5.00
C MET A 160 -12.74 8.49 -3.89
N ILE A 161 -14.03 8.40 -4.18
CA ILE A 161 -15.09 8.75 -3.23
CA ILE A 161 -15.06 8.75 -3.22
C ILE A 161 -15.82 7.49 -2.78
N PHE A 162 -15.97 7.35 -1.46
CA PHE A 162 -16.66 6.20 -0.81
C PHE A 162 -17.69 6.74 0.12
N PHE A 163 -18.77 6.00 0.34
CA PHE A 163 -19.78 6.40 1.33
C PHE A 163 -19.34 5.92 2.73
N LYS A 164 -19.14 6.86 3.65
CA LYS A 164 -18.58 6.50 4.93
C LYS A 164 -19.46 5.51 5.70
N ASP A 165 -20.78 5.67 5.57
CA ASP A 165 -21.75 4.79 6.28
C ASP A 165 -21.79 3.37 5.74
N GLY A 166 -21.18 3.19 4.55
CA GLY A 166 -21.04 1.88 3.94
C GLY A 166 -19.72 1.18 4.23
N LEU A 167 -18.91 1.75 5.13
CA LEU A 167 -17.59 1.18 5.44
C LEU A 167 -17.53 0.78 6.92
N GLU A 168 -16.78 -0.28 7.20
CA GLU A 168 -16.39 -0.67 8.56
C GLU A 168 -14.90 -0.49 8.72
N MET A 169 -14.48 0.12 9.80
CA MET A 169 -13.07 0.31 10.07
C MET A 169 -12.53 -0.84 10.90
N GLU A 170 -11.40 -1.41 10.49
CA GLU A 170 -10.70 -2.45 11.22
C GLU A 170 -9.29 -2.00 11.50
N LYS A 171 -9.00 -1.68 12.76
CA LYS A 171 -7.62 -1.36 13.16
C LYS A 171 -6.75 -2.61 13.12
N CYS A 172 -5.54 -2.51 12.60
CA CYS A 172 -4.55 -3.58 12.81
C CYS A 172 -4.02 -3.43 14.22
N LEU A 173 -4.47 -4.31 15.10
CA LEU A 173 -4.23 -4.16 16.54
C LEU A 173 -2.80 -4.48 16.89
N GLU A 174 -2.35 -3.91 18.01
CA GLU A 174 -1.05 -4.23 18.59
C GLU A 174 -1.09 -5.70 19.01
N HIS A 175 -0.01 -6.43 18.71
CA HIS A 175 0.06 -7.88 18.98
C HIS A 175 1.22 -8.07 19.96
N HIS A 176 0.97 -8.79 21.05
CA HIS A 176 2.00 -9.08 22.07
C HIS A 176 2.14 -10.57 22.35
N HIS A 177 3.25 -10.95 22.96
CA HIS A 177 3.43 -12.32 23.45
C HIS A 177 3.15 -12.44 24.96
N HIS A 178 2.49 -13.54 25.34
CA HIS A 178 2.11 -13.80 26.73
C HIS A 178 3.35 -14.08 27.58
N MET B 1 -4.93 -8.56 5.15
CA MET B 1 -3.64 -7.88 5.13
CA MET B 1 -3.71 -7.74 5.24
C MET B 1 -2.79 -8.32 6.33
N ILE B 2 -1.50 -8.43 6.02
CA ILE B 2 -0.49 -8.81 7.01
C ILE B 2 0.59 -7.75 6.98
N ILE B 3 0.98 -7.32 8.18
CA ILE B 3 2.04 -6.31 8.35
CA ILE B 3 2.04 -6.33 8.31
C ILE B 3 3.34 -7.01 8.68
N TYR B 4 4.46 -6.60 8.07
CA TYR B 4 5.78 -7.10 8.43
C TYR B 4 6.50 -6.01 9.21
N ARG B 5 6.88 -6.31 10.44
CA ARG B 5 7.44 -5.29 11.34
C ARG B 5 8.88 -5.63 11.68
N ASP B 6 9.69 -4.60 11.85
CA ASP B 6 11.08 -4.77 12.27
C ASP B 6 11.10 -5.32 13.72
N LEU B 7 11.73 -6.47 13.89
CA LEU B 7 11.77 -7.15 15.18
C LEU B 7 12.48 -6.34 16.27
N ILE B 8 13.46 -5.52 15.89
CA ILE B 8 14.21 -4.69 16.83
C ILE B 8 13.55 -3.33 17.08
N SER B 9 13.19 -2.62 16.00
CA SER B 9 12.75 -1.23 16.13
C SER B 9 11.21 -1.14 16.28
N HIS B 10 10.49 -2.22 15.95
CA HIS B 10 9.00 -2.23 15.95
C HIS B 10 8.34 -1.42 14.87
N ASP B 11 9.11 -0.94 13.90
CA ASP B 11 8.53 -0.18 12.79
C ASP B 11 7.78 -1.08 11.82
N GLU B 12 6.68 -0.58 11.29
CA GLU B 12 6.09 -1.20 10.10
C GLU B 12 7.04 -1.05 8.93
N MET B 13 7.41 -2.16 8.29
CA MET B 13 8.32 -2.09 7.14
C MET B 13 7.60 -2.20 5.80
N PHE B 14 6.58 -3.06 5.75
CA PHE B 14 5.78 -3.26 4.51
C PHE B 14 4.59 -4.13 4.86
N SER B 15 3.73 -4.36 3.89
CA SER B 15 2.62 -5.30 4.06
C SER B 15 2.52 -6.16 2.85
N ASP B 16 1.58 -7.11 2.85
CA ASP B 16 1.45 -8.06 1.73
C ASP B 16 0.60 -7.53 0.58
N ILE B 17 0.59 -6.23 0.36
CA ILE B 17 -0.01 -5.70 -0.86
C ILE B 17 0.96 -5.79 -2.06
N TYR B 18 2.22 -6.13 -1.83
CA TYR B 18 3.25 -6.20 -2.88
C TYR B 18 3.51 -7.65 -3.24
N LYS B 19 4.04 -7.87 -4.42
CA LYS B 19 4.63 -9.15 -4.75
C LYS B 19 5.85 -9.39 -3.87
N ILE B 20 5.86 -10.52 -3.18
CA ILE B 20 6.96 -10.85 -2.26
C ILE B 20 7.44 -12.25 -2.58
N ARG B 21 8.77 -12.43 -2.61
CA ARG B 21 9.38 -13.76 -2.75
C ARG B 21 10.49 -13.96 -1.76
N GLU B 22 10.74 -15.22 -1.38
CA GLU B 22 11.86 -15.53 -0.54
C GLU B 22 13.06 -15.86 -1.41
N ILE B 23 14.24 -15.44 -0.97
CA ILE B 23 15.48 -15.74 -1.67
C ILE B 23 16.53 -16.21 -0.65
N ALA B 24 17.65 -16.71 -1.17
CA ALA B 24 18.79 -17.14 -0.34
C ALA B 24 18.39 -18.16 0.72
N ASP B 25 17.69 -19.21 0.28
CA ASP B 25 17.27 -20.30 1.17
C ASP B 25 16.45 -19.80 2.37
N GLY B 26 15.60 -18.83 2.11
CA GLY B 26 14.69 -18.32 3.12
C GLY B 26 15.33 -17.30 4.06
N LEU B 27 16.54 -16.84 3.73
CA LEU B 27 17.21 -15.83 4.55
C LEU B 27 16.59 -14.42 4.35
N CYS B 28 16.17 -14.09 3.12
CA CYS B 28 15.73 -12.74 2.81
C CYS B 28 14.44 -12.74 2.06
N LEU B 29 13.73 -11.64 2.19
CA LEU B 29 12.54 -11.40 1.37
C LEU B 29 12.85 -10.31 0.39
N GLU B 30 12.35 -10.46 -0.85
CA GLU B 30 12.42 -9.43 -1.88
C GLU B 30 10.99 -8.94 -2.10
N VAL B 31 10.78 -7.66 -1.90
CA VAL B 31 9.48 -7.06 -1.97
C VAL B 31 9.47 -6.14 -3.18
N GLU B 32 8.62 -6.43 -4.18
CA GLU B 32 8.65 -5.68 -5.44
C GLU B 32 7.78 -4.45 -5.35
N GLY B 33 8.35 -3.29 -5.68
CA GLY B 33 7.61 -2.06 -5.58
C GLY B 33 7.13 -1.57 -6.94
N LYS B 34 6.43 -0.45 -6.84
CA LYS B 34 5.89 0.20 -8.05
C LYS B 34 6.54 1.57 -8.16
N MET B 35 6.76 2.05 -9.40
CA MET B 35 7.39 3.33 -9.62
C MET B 35 6.39 4.42 -9.38
N VAL B 36 6.81 5.53 -8.78
CA VAL B 36 5.94 6.69 -8.57
C VAL B 36 6.75 7.93 -9.08
N SER B 37 6.17 8.66 -10.02
CA SER B 37 6.83 9.81 -10.66
C SER B 37 6.72 11.08 -9.82
C GLY B 50 0.95 20.28 -21.19
N ASN B 51 2.26 20.37 -21.40
CA ASN B 51 2.80 21.01 -22.60
C ASN B 51 3.83 20.13 -23.31
N ALA B 52 3.62 19.88 -24.60
CA ALA B 52 4.45 18.87 -25.27
C ALA B 52 5.61 19.54 -26.00
N SER B 53 5.82 20.80 -25.71
CA SER B 53 6.88 21.54 -26.39
C SER B 53 8.27 20.93 -26.16
N ALA B 54 9.10 21.10 -27.19
CA ALA B 54 10.46 20.56 -27.13
C ALA B 54 11.33 21.47 -27.97
N GLU B 55 12.61 21.55 -27.61
CA GLU B 55 13.50 22.52 -28.25
C GLU B 55 14.23 22.02 -29.51
N GLY B 56 14.37 20.69 -29.59
CA GLY B 56 15.08 20.12 -30.73
C GLY B 56 16.59 20.33 -30.67
N PRO B 57 17.27 20.19 -31.80
CA PRO B 57 18.74 20.18 -31.83
CA PRO B 57 18.75 20.20 -31.95
C PRO B 57 19.42 21.46 -31.43
N GLU B 58 18.75 22.58 -31.60
CA GLU B 58 19.30 23.88 -31.32
C GLU B 58 19.42 24.11 -29.82
N GLY B 59 18.60 23.39 -29.04
CA GLY B 59 18.58 23.53 -27.59
C GLY B 59 19.37 22.42 -26.89
N GLU B 60 19.07 22.23 -25.63
CA GLU B 60 19.69 21.14 -24.87
C GLU B 60 18.89 19.88 -24.97
N GLY B 61 19.56 18.77 -24.71
CA GLY B 61 18.86 17.49 -24.71
C GLY B 61 17.77 17.47 -23.66
N THR B 62 16.74 16.64 -23.89
CA THR B 62 15.67 16.55 -22.93
C THR B 62 16.13 15.94 -21.62
N GLU B 63 15.48 16.34 -20.52
CA GLU B 63 15.82 15.81 -19.21
C GLU B 63 15.55 14.31 -19.09
N SER B 64 16.28 13.68 -18.18
CA SER B 64 16.16 12.26 -17.95
C SER B 64 14.75 11.87 -17.63
N THR B 65 14.31 10.73 -18.18
CA THR B 65 12.99 10.20 -17.84
C THR B 65 12.97 9.26 -16.64
N VAL B 66 14.10 9.08 -15.96
CA VAL B 66 14.15 8.11 -14.87
CA VAL B 66 14.18 8.16 -14.82
C VAL B 66 13.12 8.46 -13.78
N ILE B 67 12.46 7.41 -13.30
CA ILE B 67 11.50 7.57 -12.21
C ILE B 67 12.18 7.15 -10.93
N THR B 68 12.29 8.06 -9.96
CA THR B 68 13.05 7.75 -8.74
C THR B 68 12.19 7.37 -7.54
N GLY B 69 10.87 7.58 -7.59
CA GLY B 69 10.01 7.26 -6.44
C GLY B 69 9.66 5.78 -6.37
N VAL B 70 9.51 5.28 -5.14
CA VAL B 70 9.16 3.85 -4.92
C VAL B 70 8.02 3.85 -3.93
N ASP B 71 6.90 3.22 -4.32
CA ASP B 71 5.75 3.26 -3.42
C ASP B 71 5.94 2.67 -2.04
N ILE B 72 6.71 1.58 -1.92
CA ILE B 72 6.89 0.94 -0.60
C ILE B 72 7.40 1.99 0.39
N VAL B 73 8.38 2.78 -0.04
CA VAL B 73 8.97 3.80 0.82
C VAL B 73 7.95 4.83 1.30
N MET B 74 7.15 5.35 0.37
CA MET B 74 6.17 6.36 0.72
C MET B 74 5.03 5.78 1.60
N ASN B 75 4.57 4.59 1.25
CA ASN B 75 3.41 3.99 1.90
C ASN B 75 3.68 3.62 3.35
N HIS B 76 4.94 3.26 3.68
CA HIS B 76 5.26 2.80 5.04
C HIS B 76 6.18 3.74 5.75
N HIS B 77 6.35 4.96 5.23
CA HIS B 77 7.14 6.00 5.88
C HIS B 77 8.56 5.54 6.17
N LEU B 78 9.14 4.81 5.24
CA LEU B 78 10.54 4.45 5.35
C LEU B 78 11.39 5.68 5.10
N GLN B 79 12.54 5.72 5.80
CA GLN B 79 13.42 6.89 5.79
C GLN B 79 14.74 6.57 5.12
N GLU B 80 15.12 7.34 4.10
CA GLU B 80 16.42 7.07 3.45
C GLU B 80 17.57 7.41 4.43
N THR B 81 18.60 6.56 4.43
CA THR B 81 19.79 6.82 5.22
C THR B 81 21.00 6.61 4.34
N SER B 82 22.20 6.85 4.85
CA SER B 82 23.36 6.57 4.04
CA SER B 82 23.43 6.76 4.06
C SER B 82 24.51 6.12 4.92
N PHE B 83 25.48 5.49 4.27
CA PHE B 83 26.60 4.87 4.97
C PHE B 83 27.88 4.95 4.13
N THR B 84 29.00 5.16 4.81
CA THR B 84 30.27 4.76 4.23
C THR B 84 30.32 3.24 4.23
N LYS B 85 31.15 2.68 3.36
CA LYS B 85 31.26 1.25 3.28
C LYS B 85 31.78 0.74 4.64
N GLU B 86 32.74 1.46 5.24
CA GLU B 86 33.23 1.13 6.58
C GLU B 86 32.16 1.14 7.69
N ALA B 87 31.31 2.15 7.69
CA ALA B 87 30.26 2.25 8.69
C ALA B 87 29.21 1.14 8.47
N TYR B 88 28.90 0.82 7.21
CA TYR B 88 27.92 -0.24 6.94
C TYR B 88 28.47 -1.58 7.45
N LYS B 89 29.76 -1.88 7.21
CA LYS B 89 30.35 -3.11 7.76
C LYS B 89 30.20 -3.21 9.26
N LYS B 90 30.51 -2.11 9.96
CA LYS B 90 30.38 -2.12 11.40
C LYS B 90 28.91 -2.32 11.80
N TYR B 91 27.98 -1.63 11.13
CA TYR B 91 26.59 -1.72 11.46
C TYR B 91 26.08 -3.16 11.24
N ILE B 92 26.44 -3.73 10.09
CA ILE B 92 25.81 -5.00 9.72
C ILE B 92 26.36 -6.13 10.62
N LYS B 93 27.62 -6.04 11.02
CA LYS B 93 28.13 -7.01 11.96
C LYS B 93 27.37 -7.01 13.31
N ASP B 94 27.13 -5.81 13.83
CA ASP B 94 26.39 -5.64 15.08
C ASP B 94 24.92 -6.09 14.89
N TYR B 95 24.34 -5.81 13.72
CA TYR B 95 22.96 -6.19 13.46
C TYR B 95 22.80 -7.71 13.48
N MET B 96 23.75 -8.40 12.88
CA MET B 96 23.73 -9.86 12.95
C MET B 96 23.80 -10.39 14.36
N LYS B 97 24.62 -9.77 15.21
CA LYS B 97 24.71 -10.20 16.58
C LYS B 97 23.40 -9.97 17.30
N SER B 98 22.73 -8.84 17.03
CA SER B 98 21.46 -8.61 17.69
CA SER B 98 21.43 -8.56 17.63
C SER B 98 20.42 -9.65 17.25
N ILE B 99 20.38 -9.98 15.96
CA ILE B 99 19.44 -10.99 15.49
C ILE B 99 19.75 -12.41 16.04
N LYS B 100 21.02 -12.79 16.03
CA LYS B 100 21.42 -14.07 16.62
C LYS B 100 20.86 -14.21 18.02
N GLY B 101 20.91 -13.11 18.78
CA GLY B 101 20.42 -13.07 20.14
C GLY B 101 18.95 -13.40 20.24
N LYS B 102 18.15 -12.69 19.46
CA LYS B 102 16.72 -12.90 19.42
C LYS B 102 16.38 -14.34 19.01
N LEU B 103 17.11 -14.88 18.03
CA LEU B 103 16.91 -16.26 17.59
C LEU B 103 17.27 -17.22 18.74
N GLU B 104 18.36 -16.95 19.46
CA GLU B 104 18.75 -17.78 20.62
C GLU B 104 17.64 -17.85 21.67
N GLU B 105 16.96 -16.73 21.86
CA GLU B 105 15.85 -16.68 22.80
C GLU B 105 14.61 -17.33 22.22
N GLN B 106 14.31 -17.04 20.96
CA GLN B 106 13.00 -17.40 20.39
C GLN B 106 12.99 -18.56 19.40
N ARG B 107 14.03 -18.70 18.59
CA ARG B 107 14.04 -19.73 17.56
C ARG B 107 15.44 -20.32 17.40
N PRO B 108 15.89 -21.09 18.39
CA PRO B 108 17.28 -21.54 18.50
C PRO B 108 17.74 -22.34 17.27
N GLU B 109 16.79 -23.01 16.63
CA GLU B 109 17.08 -23.81 15.45
C GLU B 109 17.66 -22.97 14.30
N ARG B 110 17.18 -21.73 14.17
CA ARG B 110 17.58 -20.85 13.07
C ARG B 110 19.01 -20.29 13.19
N VAL B 111 19.65 -20.35 14.36
CA VAL B 111 20.95 -19.69 14.51
C VAL B 111 22.00 -20.08 13.47
N LYS B 112 22.20 -21.39 13.30
CA LYS B 112 23.26 -21.89 12.40
C LYS B 112 23.05 -21.46 10.94
N PRO B 113 21.87 -21.72 10.36
CA PRO B 113 21.71 -21.29 8.97
C PRO B 113 21.61 -19.77 8.87
N PHE B 114 21.12 -19.09 9.90
CA PHE B 114 21.19 -17.62 9.87
C PHE B 114 22.61 -17.09 9.82
N MET B 115 23.51 -17.64 10.62
CA MET B 115 24.86 -17.09 10.65
C MET B 115 25.64 -17.38 9.38
N THR B 116 25.54 -18.59 8.82
CA THR B 116 26.21 -18.86 7.56
CA THR B 116 26.22 -18.85 7.53
C THR B 116 25.59 -18.06 6.40
N GLY B 117 24.26 -18.02 6.35
CA GLY B 117 23.59 -17.29 5.30
C GLY B 117 23.88 -15.81 5.34
N ALA B 118 23.87 -15.23 6.55
CA ALA B 118 24.14 -13.78 6.66
C ALA B 118 25.61 -13.45 6.36
N ALA B 119 26.52 -14.33 6.73
CA ALA B 119 27.93 -14.14 6.37
C ALA B 119 28.08 -14.02 4.85
N GLU B 120 27.39 -14.88 4.11
CA GLU B 120 27.44 -14.82 2.66
C GLU B 120 26.80 -13.55 2.13
N GLN B 121 25.64 -13.21 2.70
CA GLN B 121 24.92 -12.03 2.26
CA GLN B 121 24.92 -12.04 2.24
C GLN B 121 25.70 -10.74 2.46
N ILE B 122 26.38 -10.62 3.60
CA ILE B 122 27.16 -9.42 3.89
C ILE B 122 28.22 -9.20 2.80
N LYS B 123 28.93 -10.26 2.39
CA LYS B 123 29.94 -10.12 1.34
C LYS B 123 29.30 -9.70 0.00
N HIS B 124 28.15 -10.29 -0.32
CA HIS B 124 27.40 -9.92 -1.54
C HIS B 124 26.98 -8.45 -1.53
N ILE B 125 26.43 -8.02 -0.40
CA ILE B 125 25.99 -6.64 -0.28
C ILE B 125 27.19 -5.69 -0.44
N LEU B 126 28.30 -6.00 0.19
CA LEU B 126 29.45 -5.11 0.12
C LEU B 126 30.03 -5.09 -1.28
N ALA B 127 30.00 -6.22 -1.98
CA ALA B 127 30.47 -6.26 -3.36
C ALA B 127 29.63 -5.34 -4.26
N ASN B 128 28.36 -5.18 -3.94
CA ASN B 128 27.43 -4.42 -4.77
C ASN B 128 27.00 -3.14 -4.08
N PHE B 129 27.82 -2.67 -3.17
CA PHE B 129 27.48 -1.54 -2.32
C PHE B 129 26.97 -0.28 -3.04
N LYS B 130 27.61 0.10 -4.15
CA LYS B 130 27.19 1.30 -4.86
C LYS B 130 25.86 1.15 -5.60
N ASN B 131 25.34 -0.07 -5.70
CA ASN B 131 24.11 -0.26 -6.43
C ASN B 131 22.91 0.07 -5.56
N TYR B 132 23.11 0.08 -4.24
CA TYR B 132 21.93 0.26 -3.30
C TYR B 132 21.62 1.67 -2.85
N GLN B 133 20.34 1.88 -2.54
CA GLN B 133 19.92 2.91 -1.62
C GLN B 133 19.49 2.22 -0.33
N PHE B 134 19.55 2.95 0.78
CA PHE B 134 19.40 2.37 2.13
C PHE B 134 18.26 3.00 2.86
N PHE B 135 17.34 2.16 3.40
CA PHE B 135 16.14 2.67 4.06
C PHE B 135 15.92 2.03 5.40
N ILE B 136 15.50 2.84 6.36
CA ILE B 136 15.19 2.28 7.68
C ILE B 136 13.74 2.64 8.04
N GLY B 137 13.22 2.03 9.09
CA GLY B 137 11.86 2.34 9.52
C GLY B 137 11.70 3.76 10.05
N GLU B 138 10.44 4.16 10.20
CA GLU B 138 10.09 5.53 10.59
C GLU B 138 10.75 6.02 11.86
N ASN B 139 10.94 5.10 12.83
CA ASN B 139 11.60 5.41 14.11
C ASN B 139 13.08 5.79 13.96
N MET B 140 13.69 5.39 12.85
CA MET B 140 15.12 5.67 12.58
C MET B 140 16.06 5.17 13.67
N ASN B 141 15.80 3.98 14.17
CA ASN B 141 16.59 3.32 15.19
C ASN B 141 17.87 2.79 14.55
N PRO B 142 19.05 3.19 15.05
CA PRO B 142 20.32 2.76 14.45
C PRO B 142 20.58 1.25 14.63
N ASP B 143 19.76 0.59 15.47
CA ASP B 143 19.89 -0.85 15.67
C ASP B 143 18.87 -1.60 14.79
N GLY B 144 17.95 -0.86 14.16
CA GLY B 144 16.92 -1.49 13.31
C GLY B 144 17.50 -2.01 12.03
N MET B 145 16.69 -2.75 11.27
CA MET B 145 17.09 -3.23 9.96
C MET B 145 17.29 -2.11 8.97
N VAL B 146 18.24 -2.32 8.03
CA VAL B 146 18.39 -1.43 6.89
C VAL B 146 17.97 -2.19 5.65
N ALA B 147 16.82 -1.81 5.11
CA ALA B 147 16.36 -2.41 3.85
C ALA B 147 17.15 -1.85 2.66
N LEU B 148 17.40 -2.71 1.68
CA LEU B 148 18.20 -2.31 0.52
C LEU B 148 17.30 -2.16 -0.71
N LEU B 149 17.36 -1.03 -1.37
CA LEU B 149 16.61 -0.80 -2.64
C LEU B 149 17.55 -1.00 -3.82
N ASP B 150 17.12 -1.86 -4.73
CA ASP B 150 17.82 -2.08 -6.01
C ASP B 150 16.78 -2.17 -7.11
N TYR B 151 17.25 -2.37 -8.34
CA TYR B 151 16.36 -2.45 -9.52
C TYR B 151 16.54 -3.77 -10.22
N ARG B 152 15.45 -4.34 -10.75
CA ARG B 152 15.56 -5.58 -11.51
C ARG B 152 16.41 -5.42 -12.79
N GLU B 153 16.67 -6.55 -13.48
CA GLU B 153 17.46 -6.54 -14.72
C GLU B 153 16.83 -5.66 -15.80
N ASP B 154 15.52 -5.45 -15.76
CA ASP B 154 14.86 -4.53 -16.71
C ASP B 154 15.28 -3.08 -16.54
N GLY B 155 15.98 -2.75 -15.46
CA GLY B 155 16.47 -1.39 -15.29
C GLY B 155 15.51 -0.46 -14.59
N VAL B 156 14.23 -0.87 -14.44
CA VAL B 156 13.22 0.11 -14.01
C VAL B 156 12.34 -0.35 -12.85
N THR B 157 12.24 -1.65 -12.63
CA THR B 157 11.35 -2.13 -11.56
C THR B 157 12.12 -2.15 -10.20
N PRO B 158 11.64 -1.36 -9.21
CA PRO B 158 12.30 -1.33 -7.88
C PRO B 158 11.95 -2.56 -7.04
N TYR B 159 12.91 -3.03 -6.28
CA TYR B 159 12.58 -4.03 -5.27
C TYR B 159 13.44 -3.78 -4.06
N MET B 160 12.92 -4.23 -2.93
CA MET B 160 13.61 -4.03 -1.66
C MET B 160 13.89 -5.32 -0.98
N ILE B 161 15.06 -5.44 -0.36
CA ILE B 161 15.53 -6.66 0.28
C ILE B 161 15.54 -6.43 1.79
N PHE B 162 14.96 -7.39 2.50
CA PHE B 162 14.86 -7.44 3.97
C PHE B 162 15.36 -8.76 4.48
N PHE B 163 15.93 -8.80 5.69
CA PHE B 163 16.29 -10.09 6.35
C PHE B 163 15.06 -10.68 7.02
N LYS B 164 14.63 -11.86 6.57
CA LYS B 164 13.41 -12.46 7.09
C LYS B 164 13.50 -12.67 8.60
N ASP B 165 14.67 -13.08 9.12
CA ASP B 165 14.81 -13.34 10.56
C ASP B 165 14.70 -12.07 11.43
N GLY B 166 14.84 -10.90 10.80
CA GLY B 166 14.68 -9.61 11.44
C GLY B 166 13.28 -9.04 11.38
N LEU B 167 12.32 -9.84 10.89
CA LEU B 167 10.91 -9.41 10.79
C LEU B 167 9.99 -10.19 11.68
N GLU B 168 8.90 -9.55 12.11
CA GLU B 168 7.77 -10.22 12.73
C GLU B 168 6.56 -10.03 11.84
N MET B 169 5.81 -11.09 11.63
CA MET B 169 4.59 -11.02 10.82
C MET B 169 3.41 -10.85 11.79
N GLU B 170 2.54 -9.88 11.50
CA GLU B 170 1.36 -9.62 12.30
C GLU B 170 0.15 -9.46 11.40
N LYS B 171 -0.80 -10.38 11.53
CA LYS B 171 -2.02 -10.26 10.74
C LYS B 171 -2.85 -9.08 11.25
N CYS B 172 -3.47 -8.37 10.32
CA CYS B 172 -4.58 -7.48 10.67
CA CYS B 172 -4.58 -7.51 10.67
C CYS B 172 -5.78 -8.42 10.68
N LEU B 173 -6.31 -8.72 11.86
CA LEU B 173 -7.39 -9.71 11.98
C LEU B 173 -8.72 -9.14 11.53
N GLU B 174 -9.33 -9.76 10.51
CA GLU B 174 -10.59 -9.31 10.02
C GLU B 174 -11.71 -9.56 11.04
N HIS B 175 -12.65 -8.64 11.11
CA HIS B 175 -13.72 -8.77 12.06
C HIS B 175 -14.76 -9.82 11.62
N HIS B 176 -15.48 -10.37 12.58
CA HIS B 176 -16.57 -11.25 12.29
C HIS B 176 -17.75 -10.39 11.87
N HIS B 177 -18.40 -10.73 10.77
CA HIS B 177 -19.42 -9.82 10.28
C HIS B 177 -20.84 -10.32 10.58
C2 PEG C . 28.79 -11.06 -4.91
O2 PEG C . 28.10 -11.94 -4.03
C3 PEG C . 28.81 -13.11 -3.56
C4 PEG C . 28.17 -13.68 -2.24
O4 PEG C . 29.01 -13.64 -1.07
#